data_2XT0
#
_entry.id   2XT0
#
_cell.length_a   47.262
_cell.length_b   108.501
_cell.length_c   67.312
_cell.angle_alpha   90.00
_cell.angle_beta   90.00
_cell.angle_gamma   90.00
#
_symmetry.space_group_name_H-M   'P 21 21 2'
#
loop_
_entity.id
_entity.type
_entity.pdbx_description
1 polymer 'HALOALKANE DEHALOGENASE'
2 non-polymer 'SULFATE ION'
3 water water
#
_entity_poly.entity_id   1
_entity_poly.type   'polypeptide(L)'
_entity_poly.pdbx_seq_one_letter_code
;MEFVRTPDDRFADLPDFPYAPHYLEGLPGFEGLRMHYVDEGPRDAEHTFLCLHGEPSWSFLYRKMLPVFTAAGGRVVAPD
LFGFGRSDKPTDDAVYTFGFHRRSLLAFLDALQLERVTLVCQDWGGILGLTLPVDRPQLVDRLIVMNTALAVGLSPGKGF
ESWRDFVANSPDLDVGKLMQRAIPGITDAEVAAYDAPFPGPEFKAGVRRFPAIVPITPDMEGAEIGRQAMSFWSTQWSGP
TFMAVGAQDPVLGPEVMGMLRQAIRGCPEPMIVEAGGHFVQEHGEPIARAALAAFGQ
;
_entity_poly.pdbx_strand_id   A
#
# COMPACT_ATOMS: atom_id res chain seq x y z
N MET A 1 -5.31 19.70 -14.27
CA MET A 1 -5.82 18.37 -13.86
C MET A 1 -6.98 18.59 -12.93
N GLU A 2 -8.17 18.16 -13.35
CA GLU A 2 -9.37 18.19 -12.53
C GLU A 2 -9.30 17.32 -11.32
N PHE A 3 -9.79 17.80 -10.18
CA PHE A 3 -9.82 16.95 -9.01
C PHE A 3 -10.87 17.33 -7.97
N VAL A 4 -11.21 16.38 -7.13
CA VAL A 4 -12.11 16.69 -5.99
C VAL A 4 -11.33 16.42 -4.69
N ARG A 5 -11.79 17.05 -3.65
CA ARG A 5 -11.32 16.92 -2.34
C ARG A 5 -12.46 16.47 -1.40
N THR A 6 -12.22 15.37 -0.69
CA THR A 6 -13.18 14.92 0.34
C THR A 6 -13.34 15.85 1.55
N PRO A 7 -14.61 16.26 1.88
CA PRO A 7 -14.83 17.08 3.05
C PRO A 7 -14.25 16.47 4.33
N ASP A 8 -13.70 17.31 5.20
CA ASP A 8 -13.07 16.89 6.46
C ASP A 8 -13.98 16.23 7.44
N ASP A 9 -15.23 16.64 7.46
CA ASP A 9 -16.23 15.98 8.32
C ASP A 9 -16.42 14.48 8.04
N ARG A 10 -16.03 13.98 6.85
CA ARG A 10 -16.09 12.53 6.59
C ARG A 10 -15.12 11.71 7.48
N PHE A 11 -14.09 12.38 7.97
CA PHE A 11 -12.99 11.73 8.68
C PHE A 11 -13.08 11.97 10.19
N ALA A 12 -14.23 12.44 10.69
CA ALA A 12 -14.42 12.75 12.12
C ALA A 12 -14.40 11.50 12.99
N ASP A 13 -15.13 10.46 12.60
CA ASP A 13 -15.52 9.47 13.63
C ASP A 13 -14.58 8.29 13.89
N LEU A 14 -13.32 8.35 13.45
CA LEU A 14 -12.74 7.12 12.98
C LEU A 14 -12.18 6.26 14.08
N PRO A 15 -12.53 4.94 14.08
CA PRO A 15 -12.04 4.02 15.13
C PRO A 15 -10.55 3.80 15.11
N ASP A 16 -9.92 4.02 16.26
CA ASP A 16 -8.51 3.74 16.46
C ASP A 16 -7.62 4.56 15.48
N PHE A 17 -8.07 5.75 15.11
CA PHE A 17 -7.35 6.53 14.14
C PHE A 17 -7.48 7.99 14.48
N PRO A 18 -6.88 8.40 15.58
CA PRO A 18 -6.97 9.75 16.06
C PRO A 18 -5.86 10.67 15.41
N TYR A 19 -4.91 10.07 14.70
CA TYR A 19 -3.75 10.74 14.11
C TYR A 19 -4.08 11.98 13.30
N ALA A 20 -3.42 13.07 13.69
CA ALA A 20 -3.49 14.36 13.00
C ALA A 20 -3.11 14.25 11.54
N PRO A 21 -3.85 14.93 10.66
CA PRO A 21 -3.45 14.91 9.26
C PRO A 21 -2.25 15.78 8.99
N HIS A 22 -1.41 15.37 8.06
CA HIS A 22 -0.30 16.20 7.62
C HIS A 22 -0.45 16.31 6.13
N TYR A 23 -0.10 17.44 5.53
CA TYR A 23 -0.28 17.57 4.06
C TYR A 23 0.89 18.13 3.33
N LEU A 24 1.05 17.75 2.07
CA LEU A 24 2.09 18.28 1.19
C LEU A 24 1.37 18.85 0.00
N GLU A 25 1.86 20.00 -0.48
CA GLU A 25 1.35 20.70 -1.63
C GLU A 25 2.55 20.99 -2.52
N GLY A 26 2.30 21.26 -3.80
CA GLY A 26 3.35 21.66 -4.72
C GLY A 26 4.31 20.59 -5.11
N LEU A 27 3.94 19.32 -4.93
CA LEU A 27 4.81 18.25 -5.36
C LEU A 27 5.11 18.40 -6.90
N PRO A 28 6.38 18.27 -7.26
CA PRO A 28 6.75 18.49 -8.67
C PRO A 28 6.01 17.52 -9.55
N GLY A 29 5.30 18.01 -10.54
CA GLY A 29 4.52 17.18 -11.42
C GLY A 29 3.10 16.93 -10.96
N PHE A 30 2.73 17.37 -9.75
CA PHE A 30 1.37 17.30 -9.24
C PHE A 30 0.97 18.69 -8.70
N GLU A 31 1.42 19.74 -9.37
CA GLU A 31 1.13 21.10 -8.89
C GLU A 31 -0.41 21.19 -8.89
N GLY A 32 -0.93 21.68 -7.79
CA GLY A 32 -2.40 21.78 -7.63
C GLY A 32 -2.90 20.82 -6.60
N LEU A 33 -2.27 19.67 -6.50
CA LEU A 33 -2.83 18.61 -5.68
C LEU A 33 -2.22 18.58 -4.32
N ARG A 34 -3.06 18.23 -3.34
CA ARG A 34 -2.64 18.08 -1.94
C ARG A 34 -2.63 16.59 -1.56
N MET A 35 -1.51 16.15 -0.98
CA MET A 35 -1.38 14.79 -0.48
C MET A 35 -1.42 14.70 1.06
N HIS A 36 -2.25 13.83 1.60
CA HIS A 36 -2.32 13.60 3.02
C HIS A 36 -1.33 12.43 3.40
N TYR A 37 -0.75 12.55 4.59
CA TYR A 37 0.00 11.46 5.23
C TYR A 37 -0.08 11.48 6.78
N VAL A 38 -0.04 10.30 7.36
CA VAL A 38 0.18 10.06 8.80
C VAL A 38 1.69 10.15 9.01
N ASP A 39 2.05 10.82 10.09
CA ASP A 39 3.42 10.99 10.58
C ASP A 39 3.39 10.99 12.09
N GLU A 40 3.89 9.90 12.66
CA GLU A 40 3.92 9.72 14.06
C GLU A 40 5.27 9.23 14.52
N GLY A 41 5.60 9.54 15.77
CA GLY A 41 6.88 9.18 16.35
C GLY A 41 7.93 10.25 16.20
N PRO A 42 9.06 10.06 16.85
CA PRO A 42 10.10 11.08 16.78
C PRO A 42 10.64 11.17 15.35
N ARG A 43 10.92 12.39 14.90
CA ARG A 43 11.38 12.57 13.52
C ARG A 43 12.88 12.37 13.37
N ASP A 44 13.57 12.05 14.44
CA ASP A 44 14.96 11.50 14.31
C ASP A 44 15.06 10.01 14.68
N ALA A 45 13.97 9.31 14.53
CA ALA A 45 13.96 7.89 14.84
C ALA A 45 15.08 7.16 14.09
N GLU A 46 15.66 6.18 14.76
CA GLU A 46 16.60 5.24 14.08
C GLU A 46 15.93 4.53 12.86
N HIS A 47 14.65 4.19 13.00
CA HIS A 47 13.91 3.43 12.01
C HIS A 47 12.62 4.15 11.70
N THR A 48 12.39 4.39 10.40
CA THR A 48 11.17 5.02 9.89
C THR A 48 10.46 3.94 9.12
N PHE A 49 9.22 3.66 9.47
CA PHE A 49 8.46 2.66 8.77
C PHE A 49 7.56 3.39 7.80
N LEU A 50 7.86 3.19 6.51
CA LEU A 50 7.10 3.75 5.41
C LEU A 50 6.05 2.72 5.00
N CYS A 51 4.79 3.01 5.34
CA CYS A 51 3.65 2.14 5.20
C CYS A 51 2.83 2.57 4.02
N LEU A 52 2.88 1.75 2.95
CA LEU A 52 2.22 2.07 1.68
C LEU A 52 1.00 1.22 1.56
N HIS A 53 -0.13 1.88 1.31
CA HIS A 53 -1.37 1.18 1.09
C HIS A 53 -1.60 0.89 -0.39
N GLY A 54 -2.63 0.10 -0.63
CA GLY A 54 -3.10 -0.23 -1.97
C GLY A 54 -4.58 0.01 -2.23
N GLU A 55 -5.13 -0.86 -3.08
CA GLU A 55 -6.47 -0.74 -3.58
C GLU A 55 -7.58 -1.43 -2.76
N PRO A 56 -8.66 -0.71 -2.40
CA PRO A 56 -9.01 0.69 -2.39
C PRO A 56 -9.04 1.21 -0.94
N SER A 57 -7.86 1.18 -0.31
CA SER A 57 -7.70 1.48 1.08
C SER A 57 -6.98 2.82 1.20
N TRP A 58 -6.51 3.14 2.43
CA TRP A 58 -5.71 4.30 2.68
C TRP A 58 -4.93 4.06 3.97
N SER A 59 -4.25 5.09 4.50
CA SER A 59 -3.36 4.96 5.70
C SER A 59 -4.10 4.42 6.92
N PHE A 60 -5.41 4.62 6.97
CA PHE A 60 -6.29 3.98 7.95
C PHE A 60 -6.00 2.51 8.13
N LEU A 61 -5.61 1.84 7.04
CA LEU A 61 -5.39 0.39 7.07
C LEU A 61 -4.17 0.00 7.97
N TYR A 62 -3.30 0.94 8.26
CA TYR A 62 -2.06 0.70 9.05
C TYR A 62 -2.25 1.01 10.51
N ARG A 63 -3.49 1.34 10.92
CA ARG A 63 -3.75 1.78 12.25
C ARG A 63 -3.50 0.73 13.37
N LYS A 64 -3.45 -0.56 13.05
CA LYS A 64 -3.19 -1.56 14.09
C LYS A 64 -1.71 -1.90 14.20
N MET A 65 -1.00 -1.63 13.11
CA MET A 65 0.43 -1.89 13.03
C MET A 65 1.24 -0.69 13.50
N LEU A 66 0.78 0.49 13.15
CA LEU A 66 1.43 1.72 13.59
C LEU A 66 1.84 1.83 15.10
N PRO A 67 0.91 1.56 16.07
CA PRO A 67 1.29 1.67 17.48
C PRO A 67 2.32 0.66 17.94
N VAL A 68 2.49 -0.44 17.19
CA VAL A 68 3.53 -1.38 17.57
C VAL A 68 4.90 -0.80 17.16
N PHE A 69 4.93 -0.19 15.96
CA PHE A 69 6.10 0.52 15.39
C PHE A 69 6.53 1.70 16.24
N THR A 70 5.59 2.54 16.64
CA THR A 70 5.90 3.66 17.55
C THR A 70 6.26 3.18 18.93
N ALA A 71 5.58 2.13 19.41
CA ALA A 71 5.98 1.53 20.74
C ALA A 71 7.49 1.14 20.80
N ALA A 72 8.02 0.73 19.64
CA ALA A 72 9.40 0.29 19.48
C ALA A 72 10.35 1.45 19.22
N GLY A 73 9.88 2.68 19.33
CA GLY A 73 10.73 3.85 19.11
C GLY A 73 10.77 4.36 17.70
N GLY A 74 9.91 3.79 16.85
CA GLY A 74 9.87 4.11 15.46
C GLY A 74 9.13 5.36 15.08
N ARG A 75 9.51 5.91 13.92
CA ARG A 75 8.67 6.85 13.20
C ARG A 75 7.81 6.04 12.21
N VAL A 76 6.53 6.41 12.06
CA VAL A 76 5.68 5.84 11.08
C VAL A 76 5.20 6.92 10.13
N VAL A 77 5.41 6.68 8.83
CA VAL A 77 4.98 7.63 7.78
C VAL A 77 4.12 6.85 6.84
N ALA A 78 2.87 7.29 6.68
CA ALA A 78 1.90 6.58 5.83
C ALA A 78 1.12 7.51 4.90
N PRO A 79 1.54 7.64 3.62
CA PRO A 79 0.88 8.51 2.70
C PRO A 79 -0.37 7.85 2.11
N ASP A 80 -1.34 8.71 1.78
CA ASP A 80 -2.53 8.35 0.98
C ASP A 80 -2.22 8.70 -0.49
N LEU A 81 -2.22 7.69 -1.36
CA LEU A 81 -2.01 7.96 -2.78
C LEU A 81 -3.12 8.91 -3.27
N PHE A 82 -2.80 9.71 -4.26
CA PHE A 82 -3.84 10.47 -4.95
C PHE A 82 -4.93 9.55 -5.44
N GLY A 83 -6.21 9.97 -5.27
CA GLY A 83 -7.36 9.08 -5.47
C GLY A 83 -7.87 8.38 -4.25
N PHE A 84 -7.11 8.47 -3.15
CA PHE A 84 -7.40 7.72 -1.89
C PHE A 84 -7.34 8.51 -0.57
N GLY A 85 -7.99 7.98 0.47
CA GLY A 85 -7.99 8.57 1.79
C GLY A 85 -8.27 10.07 1.83
N ARG A 86 -7.36 10.81 2.42
CA ARG A 86 -7.58 12.25 2.58
C ARG A 86 -6.79 13.05 1.52
N SER A 87 -6.16 12.33 0.57
CA SER A 87 -5.45 13.00 -0.51
C SER A 87 -6.44 13.51 -1.53
N ASP A 88 -6.08 14.51 -2.32
CA ASP A 88 -6.98 14.93 -3.45
C ASP A 88 -7.09 13.83 -4.48
N LYS A 89 -8.15 13.88 -5.27
CA LYS A 89 -8.56 12.79 -6.11
C LYS A 89 -8.88 13.29 -7.54
N PRO A 90 -7.95 13.13 -8.47
CA PRO A 90 -8.28 13.36 -9.89
C PRO A 90 -9.59 12.64 -10.30
N THR A 91 -10.43 13.34 -11.02
CA THR A 91 -11.73 12.84 -11.49
C THR A 91 -11.72 12.09 -12.81
N ASP A 92 -10.70 12.31 -13.61
CA ASP A 92 -10.60 11.65 -14.91
C ASP A 92 -9.81 10.36 -14.72
N ASP A 93 -10.45 9.21 -14.93
CA ASP A 93 -9.83 7.91 -14.72
C ASP A 93 -8.54 7.74 -15.49
N ALA A 94 -8.41 8.39 -16.65
CA ALA A 94 -7.26 8.19 -17.52
C ALA A 94 -5.99 8.77 -16.92
N VAL A 95 -6.08 9.62 -15.88
CA VAL A 95 -4.84 10.15 -15.33
C VAL A 95 -4.06 9.11 -14.46
N TYR A 96 -4.77 8.10 -13.95
CA TYR A 96 -4.18 7.13 -13.08
C TYR A 96 -3.49 6.04 -13.91
N THR A 97 -2.15 6.11 -13.84
CA THR A 97 -1.25 5.21 -14.47
C THR A 97 -0.25 4.71 -13.44
N PHE A 98 0.49 3.67 -13.82
CA PHE A 98 1.58 3.18 -12.94
C PHE A 98 2.55 4.31 -12.62
N GLY A 99 2.94 5.07 -13.64
CA GLY A 99 3.88 6.20 -13.47
C GLY A 99 3.38 7.34 -12.65
N PHE A 100 2.10 7.65 -12.77
CA PHE A 100 1.48 8.70 -12.00
C PHE A 100 1.68 8.34 -10.50
N HIS A 101 1.28 7.12 -10.09
CA HIS A 101 1.44 6.73 -8.71
C HIS A 101 2.92 6.62 -8.24
N ARG A 102 3.79 6.09 -9.09
CA ARG A 102 5.18 5.91 -8.69
C ARG A 102 5.88 7.21 -8.51
N ARG A 103 5.66 8.14 -9.40
CA ARG A 103 6.26 9.46 -9.33
C ARG A 103 5.81 10.21 -8.07
N SER A 104 4.56 9.99 -7.67
CA SER A 104 3.97 10.66 -6.48
C SER A 104 4.73 10.20 -5.31
N LEU A 105 5.00 8.91 -5.29
CA LEU A 105 5.72 8.31 -4.16
C LEU A 105 7.14 8.87 -4.10
N LEU A 106 7.81 8.97 -5.25
CA LEU A 106 9.11 9.54 -5.26
C LEU A 106 9.05 11.02 -4.85
N ALA A 107 8.05 11.78 -5.34
CA ALA A 107 8.00 13.20 -4.97
C ALA A 107 7.78 13.27 -3.45
N PHE A 108 6.91 12.41 -2.97
CA PHE A 108 6.60 12.37 -1.52
C PHE A 108 7.88 12.13 -0.64
N LEU A 109 8.65 11.10 -0.99
CA LEU A 109 9.89 10.82 -0.26
C LEU A 109 10.85 11.99 -0.27
N ASP A 110 11.04 12.58 -1.47
CA ASP A 110 11.96 13.72 -1.57
C ASP A 110 11.52 14.91 -0.72
N ALA A 111 10.21 15.15 -0.64
CA ALA A 111 9.70 16.29 0.11
C ALA A 111 9.97 16.11 1.62
N LEU A 112 9.84 14.90 2.13
CA LEU A 112 10.10 14.66 3.56
C LEU A 112 11.57 14.36 3.87
N GLN A 113 12.39 14.26 2.82
CA GLN A 113 13.80 13.97 2.91
C GLN A 113 14.01 12.59 3.63
N LEU A 114 13.08 11.66 3.33
CA LEU A 114 13.17 10.29 3.81
C LEU A 114 14.09 9.59 2.80
N GLU A 115 15.24 9.13 3.29
CA GLU A 115 16.31 8.46 2.49
C GLU A 115 16.65 7.04 2.92
N ARG A 116 16.12 6.65 4.10
CA ARG A 116 16.31 5.32 4.66
C ARG A 116 15.05 4.82 5.39
N VAL A 117 14.41 3.77 4.90
CA VAL A 117 13.16 3.31 5.46
C VAL A 117 13.07 1.78 5.59
N THR A 118 12.32 1.34 6.59
CA THR A 118 11.75 -0.01 6.64
C THR A 118 10.49 0.12 5.80
N LEU A 119 10.51 -0.51 4.62
CA LEU A 119 9.35 -0.46 3.73
C LEU A 119 8.38 -1.48 4.27
N VAL A 120 7.16 -1.05 4.56
CA VAL A 120 6.02 -1.88 4.95
C VAL A 120 4.96 -1.78 3.84
N CYS A 121 4.69 -2.88 3.18
CA CYS A 121 3.86 -2.80 1.97
C CYS A 121 2.91 -4.00 1.81
N GLN A 122 1.89 -3.76 1.01
CA GLN A 122 0.80 -4.72 0.74
C GLN A 122 0.07 -4.22 -0.52
N ASP A 123 -0.52 -5.14 -1.29
CA ASP A 123 -1.20 -4.80 -2.56
C ASP A 123 -0.39 -3.80 -3.44
N TRP A 124 -1.03 -2.75 -3.96
CA TRP A 124 -0.37 -1.74 -4.77
C TRP A 124 0.72 -1.00 -4.00
N GLY A 125 0.64 -0.96 -2.68
CA GLY A 125 1.78 -0.40 -1.90
C GLY A 125 3.06 -1.18 -2.14
N GLY A 126 2.93 -2.47 -2.33
CA GLY A 126 4.10 -3.33 -2.68
C GLY A 126 4.35 -3.33 -4.18
N ILE A 127 3.30 -3.28 -5.04
CA ILE A 127 3.53 -3.27 -6.53
C ILE A 127 4.43 -2.06 -6.88
N LEU A 128 4.08 -0.93 -6.30
CA LEU A 128 4.86 0.31 -6.40
C LEU A 128 6.10 0.33 -5.52
N GLY A 129 5.96 0.06 -4.21
CA GLY A 129 7.06 0.21 -3.22
C GLY A 129 8.25 -0.71 -3.53
N LEU A 130 7.94 -1.91 -4.02
CA LEU A 130 8.97 -2.87 -4.34
C LEU A 130 9.78 -2.42 -5.54
N THR A 131 9.24 -1.51 -6.36
CA THR A 131 10.05 -0.96 -7.48
C THR A 131 10.86 0.28 -7.10
N LEU A 132 10.67 0.83 -5.88
CA LEU A 132 11.46 2.02 -5.51
C LEU A 132 12.96 1.85 -5.58
N PRO A 133 13.51 0.69 -5.17
CA PRO A 133 14.98 0.49 -5.30
C PRO A 133 15.57 0.53 -6.71
N VAL A 134 14.75 0.42 -7.74
CA VAL A 134 15.23 0.54 -9.12
C VAL A 134 15.86 1.95 -9.35
N ASP A 135 15.22 2.98 -8.79
CA ASP A 135 15.65 4.38 -8.81
C ASP A 135 16.50 4.76 -7.56
N ARG A 136 16.10 4.26 -6.39
CA ARG A 136 16.70 4.64 -5.09
C ARG A 136 17.21 3.37 -4.40
N PRO A 137 18.39 2.85 -4.78
CA PRO A 137 18.90 1.56 -4.30
C PRO A 137 19.21 1.50 -2.82
N GLN A 138 19.50 2.64 -2.22
CA GLN A 138 19.78 2.68 -0.76
C GLN A 138 18.56 3.12 0.08
N LEU A 139 17.43 3.40 -0.52
CA LEU A 139 16.25 3.81 0.22
C LEU A 139 15.72 2.78 1.26
N VAL A 140 15.58 1.53 0.84
CA VAL A 140 15.03 0.48 1.74
C VAL A 140 16.15 -0.20 2.44
N ASP A 141 16.15 -0.21 3.78
CA ASP A 141 17.16 -0.96 4.48
C ASP A 141 16.59 -2.21 5.14
N ARG A 142 15.27 -2.27 5.28
CA ARG A 142 14.55 -3.47 5.75
C ARG A 142 13.19 -3.55 5.08
N LEU A 143 12.66 -4.76 4.96
CA LEU A 143 11.36 -4.96 4.34
C LEU A 143 10.42 -5.81 5.20
N ILE A 144 9.23 -5.28 5.40
CA ILE A 144 8.08 -6.02 5.88
C ILE A 144 7.06 -6.07 4.73
N VAL A 145 6.93 -7.25 4.14
CA VAL A 145 6.10 -7.43 2.94
C VAL A 145 4.92 -8.31 3.26
N MET A 146 3.75 -7.82 2.88
CA MET A 146 2.51 -8.52 3.01
C MET A 146 1.81 -8.66 1.63
N ASN A 147 0.73 -9.42 1.63
CA ASN A 147 -0.06 -9.79 0.44
C ASN A 147 0.08 -8.79 -0.68
N THR A 148 0.88 -9.12 -1.69
CA THR A 148 1.25 -8.19 -2.75
C THR A 148 1.77 -9.03 -3.96
N ALA A 149 2.22 -8.35 -5.00
CA ALA A 149 3.01 -8.99 -6.06
C ALA A 149 4.00 -8.00 -6.66
N LEU A 150 5.09 -8.54 -7.19
CA LEU A 150 5.95 -7.78 -8.09
C LEU A 150 5.34 -7.95 -9.44
N ALA A 151 4.79 -6.91 -10.04
CA ALA A 151 4.08 -7.08 -11.28
C ALA A 151 5.10 -6.98 -12.42
N VAL A 152 5.30 -8.11 -13.09
CA VAL A 152 6.33 -8.26 -14.12
C VAL A 152 5.79 -8.51 -15.55
N GLY A 153 4.47 -8.45 -15.67
CA GLY A 153 3.79 -8.62 -16.96
C GLY A 153 3.14 -9.96 -17.09
N LEU A 154 2.87 -10.60 -15.95
CA LEU A 154 2.03 -11.81 -15.88
C LEU A 154 0.82 -11.56 -14.96
N SER A 155 -0.22 -12.35 -15.12
CA SER A 155 -1.33 -12.24 -14.19
C SER A 155 -0.92 -12.84 -12.84
N PRO A 156 -1.31 -12.22 -11.73
CA PRO A 156 -1.25 -12.96 -10.46
C PRO A 156 -2.21 -14.17 -10.36
N GLY A 157 -3.36 -14.14 -11.03
CA GLY A 157 -4.20 -15.34 -11.14
C GLY A 157 -5.60 -15.22 -11.77
N LYS A 158 -6.31 -16.36 -11.86
CA LYS A 158 -7.77 -16.39 -12.17
C LYS A 158 -8.62 -15.51 -11.21
N GLY A 159 -8.22 -15.50 -9.94
CA GLY A 159 -8.84 -14.67 -8.98
C GLY A 159 -8.59 -13.21 -9.29
N PHE A 160 -7.37 -12.88 -9.75
CA PHE A 160 -7.06 -11.47 -10.06
C PHE A 160 -7.94 -10.98 -11.17
N GLU A 161 -8.04 -11.79 -12.22
CA GLU A 161 -8.76 -11.35 -13.44
C GLU A 161 -10.22 -11.15 -13.18
N SER A 162 -10.80 -12.01 -12.34
CA SER A 162 -12.25 -11.85 -11.97
C SER A 162 -12.48 -10.56 -11.23
N TRP A 163 -11.57 -10.25 -10.29
CA TRP A 163 -11.60 -9.07 -9.45
C TRP A 163 -11.52 -7.80 -10.36
N ARG A 164 -10.56 -7.81 -11.27
CA ARG A 164 -10.34 -6.72 -12.21
C ARG A 164 -11.61 -6.43 -13.06
N ASP A 165 -12.16 -7.50 -13.59
CA ASP A 165 -13.41 -7.41 -14.41
C ASP A 165 -14.56 -6.90 -13.51
N PHE A 166 -14.63 -7.42 -12.31
CA PHE A 166 -15.67 -6.93 -11.40
C PHE A 166 -15.56 -5.45 -11.10
N VAL A 167 -14.34 -4.96 -10.90
CA VAL A 167 -14.19 -3.52 -10.71
C VAL A 167 -14.60 -2.75 -11.96
N ALA A 168 -14.13 -3.22 -13.12
CA ALA A 168 -14.51 -2.67 -14.45
C ALA A 168 -16.04 -2.62 -14.56
N ASN A 169 -16.71 -3.64 -13.98
CA ASN A 169 -18.20 -3.73 -14.05
C ASN A 169 -18.92 -2.96 -12.90
N SER A 170 -18.17 -2.17 -12.13
CA SER A 170 -18.74 -1.51 -10.94
C SER A 170 -18.37 -0.02 -11.01
N PRO A 171 -19.13 0.78 -11.80
CA PRO A 171 -18.86 2.26 -11.99
C PRO A 171 -18.87 3.08 -10.67
N ASP A 172 -19.64 2.57 -9.70
CA ASP A 172 -19.70 3.15 -8.36
C ASP A 172 -19.36 2.16 -7.21
N LEU A 173 -18.28 1.43 -7.39
CA LEU A 173 -17.83 0.40 -6.47
C LEU A 173 -18.07 0.80 -5.01
N ASP A 174 -18.87 0.02 -4.32
CA ASP A 174 -19.09 0.23 -2.90
C ASP A 174 -17.92 -0.30 -2.13
N VAL A 175 -17.06 0.63 -1.70
CA VAL A 175 -15.81 0.23 -1.11
C VAL A 175 -16.07 -0.41 0.27
N GLY A 176 -16.94 0.18 1.06
CA GLY A 176 -17.21 -0.37 2.38
C GLY A 176 -17.81 -1.77 2.32
N LYS A 177 -18.70 -2.02 1.35
CA LYS A 177 -19.24 -3.38 1.19
C LYS A 177 -18.17 -4.39 0.77
N LEU A 178 -17.29 -4.01 -0.15
CA LEU A 178 -16.16 -4.83 -0.54
C LEU A 178 -15.25 -5.17 0.66
N MET A 179 -14.96 -4.17 1.48
CA MET A 179 -14.14 -4.44 2.68
C MET A 179 -14.85 -5.36 3.66
N GLN A 180 -16.17 -5.23 3.73
CA GLN A 180 -16.92 -6.11 4.63
C GLN A 180 -16.79 -7.55 4.20
N ARG A 181 -16.87 -7.79 2.90
CA ARG A 181 -16.64 -9.15 2.36
C ARG A 181 -15.22 -9.64 2.65
N ALA A 182 -14.24 -8.74 2.52
CA ALA A 182 -12.85 -9.09 2.49
C ALA A 182 -12.13 -9.20 3.83
N ILE A 183 -12.63 -8.55 4.89
CA ILE A 183 -11.93 -8.44 6.17
C ILE A 183 -12.74 -9.12 7.27
N PRO A 184 -12.27 -10.30 7.75
CA PRO A 184 -12.99 -10.96 8.83
C PRO A 184 -13.08 -10.02 10.02
N GLY A 185 -14.26 -9.97 10.61
CA GLY A 185 -14.45 -9.24 11.86
C GLY A 185 -14.65 -7.73 11.75
N ILE A 186 -14.59 -7.15 10.53
CA ILE A 186 -14.62 -5.68 10.40
C ILE A 186 -15.94 -5.13 11.01
N THR A 187 -15.81 -4.14 11.86
CA THR A 187 -16.98 -3.48 12.44
C THR A 187 -17.62 -2.49 11.46
N ASP A 188 -18.83 -2.08 11.75
CA ASP A 188 -19.53 -1.09 10.94
C ASP A 188 -18.84 0.24 10.95
N ALA A 189 -18.26 0.60 12.07
CA ALA A 189 -17.55 1.86 12.14
C ALA A 189 -16.27 1.85 11.29
N GLU A 190 -15.63 0.70 11.19
CA GLU A 190 -14.42 0.51 10.32
C GLU A 190 -14.80 0.47 8.85
N VAL A 191 -15.91 -0.18 8.51
CA VAL A 191 -16.45 -0.07 7.16
C VAL A 191 -16.67 1.39 6.71
N ALA A 192 -17.35 2.18 7.53
CA ALA A 192 -17.58 3.63 7.21
C ALA A 192 -16.27 4.41 7.02
N ALA A 193 -15.18 3.97 7.69
CA ALA A 193 -13.86 4.62 7.50
C ALA A 193 -13.31 4.36 6.11
N TYR A 194 -13.71 3.24 5.51
CA TYR A 194 -13.24 2.93 4.15
C TYR A 194 -14.17 3.53 3.14
N ASP A 195 -15.44 3.71 3.49
CA ASP A 195 -16.32 4.54 2.69
C ASP A 195 -15.99 6.01 2.73
N ALA A 196 -15.39 6.45 3.86
CA ALA A 196 -15.25 7.88 4.17
C ALA A 196 -14.62 8.72 3.02
N PRO A 197 -13.60 8.18 2.31
CA PRO A 197 -13.00 9.01 1.27
C PRO A 197 -13.91 9.30 0.06
N PHE A 198 -14.96 8.54 -0.11
CA PHE A 198 -15.69 8.44 -1.34
C PHE A 198 -17.19 8.81 -1.24
N PRO A 199 -17.47 10.11 -1.11
CA PRO A 199 -18.90 10.49 -0.99
C PRO A 199 -19.77 10.16 -2.21
N GLY A 200 -19.16 9.93 -3.36
CA GLY A 200 -19.91 9.68 -4.58
C GLY A 200 -18.98 9.18 -5.68
N PRO A 201 -19.57 8.80 -6.82
CA PRO A 201 -18.83 8.14 -7.89
C PRO A 201 -17.75 9.00 -8.49
N GLU A 202 -17.90 10.30 -8.48
CA GLU A 202 -16.85 11.23 -9.01
C GLU A 202 -15.52 11.21 -8.17
N PHE A 203 -15.64 10.67 -6.95
CA PHE A 203 -14.45 10.49 -6.06
C PHE A 203 -13.69 9.17 -6.26
N LYS A 204 -14.18 8.29 -7.15
CA LYS A 204 -13.70 6.94 -7.24
C LYS A 204 -12.94 6.64 -8.56
N ALA A 205 -12.49 7.67 -9.26
CA ALA A 205 -11.71 7.45 -10.50
C ALA A 205 -10.44 6.55 -10.25
N GLY A 206 -9.69 6.79 -9.18
CA GLY A 206 -8.52 6.00 -8.85
C GLY A 206 -8.87 4.63 -8.36
N VAL A 207 -10.00 4.53 -7.63
CA VAL A 207 -10.51 3.25 -7.19
C VAL A 207 -10.88 2.39 -8.42
N ARG A 208 -11.49 3.02 -9.42
CA ARG A 208 -11.94 2.28 -10.61
C ARG A 208 -10.76 1.79 -11.45
N ARG A 209 -9.77 2.65 -11.64
CA ARG A 209 -8.66 2.40 -12.56
C ARG A 209 -7.61 1.42 -12.06
N PHE A 210 -7.47 1.27 -10.75
CA PHE A 210 -6.28 0.57 -10.21
C PHE A 210 -6.09 -0.83 -10.74
N PRO A 211 -7.13 -1.67 -10.74
CA PRO A 211 -6.92 -3.04 -11.13
C PRO A 211 -6.54 -3.16 -12.61
N ALA A 212 -7.04 -2.25 -13.42
CA ALA A 212 -6.80 -2.19 -14.83
C ALA A 212 -5.40 -1.80 -15.17
N ILE A 213 -4.68 -1.22 -14.23
CA ILE A 213 -3.33 -0.81 -14.53
C ILE A 213 -2.25 -1.71 -13.90
N VAL A 214 -2.64 -2.79 -13.22
CA VAL A 214 -1.67 -3.81 -12.83
C VAL A 214 -1.05 -4.41 -14.11
N PRO A 215 0.27 -4.40 -14.24
CA PRO A 215 0.89 -4.87 -15.50
C PRO A 215 0.95 -6.37 -15.59
N ILE A 216 -0.01 -6.93 -16.28
CA ILE A 216 -0.20 -8.36 -16.33
C ILE A 216 0.01 -8.95 -17.72
N THR A 217 0.42 -8.12 -18.71
CA THR A 217 1.02 -8.62 -19.91
C THR A 217 2.36 -7.89 -20.09
N PRO A 218 3.27 -8.50 -20.81
CA PRO A 218 4.68 -8.12 -20.67
C PRO A 218 4.96 -6.67 -21.04
N ASP A 219 4.13 -6.09 -21.89
CA ASP A 219 4.38 -4.76 -22.43
C ASP A 219 3.44 -3.67 -21.83
N MET A 220 2.63 -3.98 -20.79
CA MET A 220 1.89 -2.90 -20.11
C MET A 220 2.83 -1.98 -19.34
N GLU A 221 2.39 -0.77 -19.08
CA GLU A 221 3.27 0.19 -18.38
C GLU A 221 3.57 -0.34 -16.99
N GLY A 222 4.84 -0.34 -16.64
CA GLY A 222 5.29 -0.74 -15.32
C GLY A 222 5.89 -2.11 -15.30
N ALA A 223 5.59 -2.95 -16.29
CA ALA A 223 6.06 -4.35 -16.35
C ALA A 223 7.55 -4.43 -16.36
N GLU A 224 8.20 -3.66 -17.21
CA GLU A 224 9.67 -3.70 -17.30
C GLU A 224 10.32 -3.22 -16.02
N ILE A 225 9.74 -2.20 -15.40
CA ILE A 225 10.19 -1.68 -14.07
C ILE A 225 10.05 -2.81 -13.06
N GLY A 226 8.95 -3.55 -13.12
CA GLY A 226 8.76 -4.75 -12.29
C GLY A 226 9.87 -5.76 -12.48
N ARG A 227 10.27 -5.96 -13.74
CA ARG A 227 11.32 -6.96 -14.00
C ARG A 227 12.65 -6.48 -13.44
N GLN A 228 12.96 -5.20 -13.64
CA GLN A 228 14.10 -4.59 -13.00
C GLN A 228 14.08 -4.73 -11.46
N ALA A 229 12.92 -4.52 -10.86
CA ALA A 229 12.80 -4.64 -9.43
C ALA A 229 13.03 -6.07 -9.01
N MET A 230 12.52 -7.04 -9.76
CA MET A 230 12.75 -8.43 -9.35
C MET A 230 14.23 -8.79 -9.39
N SER A 231 14.91 -8.32 -10.43
CA SER A 231 16.35 -8.39 -10.46
C SER A 231 17.03 -7.85 -9.18
N PHE A 232 16.64 -6.68 -8.71
CA PHE A 232 17.21 -6.12 -7.47
C PHE A 232 16.99 -7.04 -6.25
N TRP A 233 15.76 -7.42 -6.02
CA TRP A 233 15.46 -8.24 -4.85
C TRP A 233 16.04 -9.64 -4.87
N SER A 234 16.23 -10.20 -6.06
CA SER A 234 16.74 -11.53 -6.24
C SER A 234 18.27 -11.54 -6.24
N THR A 235 18.91 -10.45 -6.65
CA THR A 235 20.34 -10.46 -6.84
C THR A 235 21.20 -9.38 -6.18
N GLN A 236 20.59 -8.33 -5.66
CA GLN A 236 21.34 -7.24 -5.02
CA GLN A 236 21.30 -7.20 -5.02
C GLN A 236 20.90 -7.03 -3.54
N TRP A 237 19.63 -7.26 -3.24
CA TRP A 237 19.10 -7.06 -1.90
C TRP A 237 19.81 -7.95 -0.87
N SER A 238 20.23 -7.37 0.26
CA SER A 238 20.72 -8.14 1.43
C SER A 238 20.26 -7.61 2.80
N GLY A 239 19.19 -6.81 2.85
CA GLY A 239 18.64 -6.35 4.12
C GLY A 239 17.74 -7.34 4.86
N PRO A 240 17.49 -7.07 6.14
CA PRO A 240 16.53 -7.88 6.87
C PRO A 240 15.11 -7.92 6.21
N THR A 241 14.51 -9.08 6.19
CA THR A 241 13.24 -9.25 5.51
C THR A 241 12.29 -10.03 6.37
N PHE A 242 11.02 -9.62 6.41
CA PHE A 242 9.99 -10.39 7.09
C PHE A 242 8.81 -10.35 6.18
N MET A 243 8.21 -11.51 5.95
CA MET A 243 7.01 -11.67 5.16
C MET A 243 5.88 -12.22 6.02
N ALA A 244 4.69 -11.60 5.87
CA ALA A 244 3.46 -12.13 6.43
C ALA A 244 2.39 -12.18 5.41
N VAL A 245 1.59 -13.26 5.45
CA VAL A 245 0.58 -13.49 4.46
C VAL A 245 -0.77 -13.74 5.15
N GLY A 246 -1.81 -12.97 4.79
CA GLY A 246 -3.14 -13.26 5.21
C GLY A 246 -3.70 -14.39 4.39
N ALA A 247 -4.02 -15.52 5.08
CA ALA A 247 -4.31 -16.77 4.44
C ALA A 247 -5.62 -16.75 3.68
N GLN A 248 -6.56 -15.89 4.03
CA GLN A 248 -7.91 -15.99 3.42
C GLN A 248 -8.01 -15.15 2.12
N ASP A 249 -6.93 -14.58 1.66
CA ASP A 249 -6.87 -13.88 0.36
C ASP A 249 -6.91 -14.86 -0.81
N PRO A 250 -7.97 -14.80 -1.64
CA PRO A 250 -8.15 -15.54 -2.86
C PRO A 250 -7.62 -14.84 -4.11
N VAL A 251 -6.76 -13.86 -3.97
CA VAL A 251 -6.00 -13.32 -5.11
C VAL A 251 -4.47 -13.31 -4.84
N LEU A 252 -4.02 -12.46 -3.91
CA LEU A 252 -2.56 -12.31 -3.65
C LEU A 252 -2.16 -13.04 -2.38
N GLY A 253 -2.69 -14.25 -2.17
CA GLY A 253 -2.51 -14.99 -0.94
C GLY A 253 -1.27 -15.93 -0.82
N PRO A 254 -1.38 -16.97 0.02
CA PRO A 254 -0.23 -17.86 0.25
C PRO A 254 0.56 -18.32 -1.02
N GLU A 255 -0.17 -18.82 -2.03
CA GLU A 255 0.30 -19.19 -3.36
CA GLU A 255 0.54 -19.31 -3.24
C GLU A 255 1.37 -18.24 -3.98
N VAL A 256 0.89 -17.02 -4.22
CA VAL A 256 1.62 -15.95 -4.93
C VAL A 256 2.78 -15.51 -4.03
N MET A 257 2.54 -15.53 -2.71
CA MET A 257 3.50 -15.07 -1.74
C MET A 257 4.68 -16.04 -1.49
N GLY A 258 4.45 -17.33 -1.53
CA GLY A 258 5.50 -18.32 -1.48
C GLY A 258 6.49 -18.17 -2.61
N MET A 259 5.98 -17.82 -3.78
CA MET A 259 6.85 -17.56 -4.92
C MET A 259 7.66 -16.28 -4.73
N LEU A 260 7.01 -15.23 -4.24
CA LEU A 260 7.70 -14.02 -4.00
C LEU A 260 8.78 -14.20 -2.92
N ARG A 261 8.46 -15.00 -1.91
CA ARG A 261 9.40 -15.27 -0.83
C ARG A 261 10.73 -15.73 -1.39
N GLN A 262 10.64 -16.73 -2.27
CA GLN A 262 11.80 -17.32 -2.91
C GLN A 262 12.55 -16.36 -3.81
N ALA A 263 11.84 -15.42 -4.45
CA ALA A 263 12.46 -14.37 -5.28
C ALA A 263 13.15 -13.24 -4.45
N ILE A 264 12.83 -13.08 -3.16
CA ILE A 264 13.47 -12.06 -2.31
C ILE A 264 14.64 -12.73 -1.58
N ARG A 265 15.86 -12.32 -1.96
CA ARG A 265 17.08 -12.82 -1.40
C ARG A 265 17.00 -12.69 0.13
N GLY A 266 17.23 -13.81 0.84
CA GLY A 266 17.24 -13.84 2.30
C GLY A 266 15.88 -13.83 3.01
N CYS A 267 14.76 -13.78 2.27
CA CYS A 267 13.47 -13.74 2.92
C CYS A 267 13.23 -15.07 3.61
N PRO A 268 12.96 -15.04 4.93
CA PRO A 268 12.71 -16.32 5.60
C PRO A 268 11.29 -16.80 5.31
N GLU A 269 10.93 -17.97 5.83
CA GLU A 269 9.56 -18.47 5.63
C GLU A 269 8.51 -17.49 6.15
N PRO A 270 7.42 -17.34 5.39
CA PRO A 270 6.41 -16.39 5.83
C PRO A 270 5.66 -16.74 7.13
N MET A 271 5.31 -15.70 7.88
CA MET A 271 4.35 -15.83 8.94
C MET A 271 2.96 -15.94 8.24
N ILE A 272 2.24 -17.04 8.44
CA ILE A 272 0.90 -17.20 7.88
C ILE A 272 -0.10 -16.73 8.92
N VAL A 273 -0.90 -15.71 8.55
CA VAL A 273 -1.88 -15.09 9.47
C VAL A 273 -3.23 -15.64 9.03
N GLU A 274 -3.65 -16.77 9.65
CA GLU A 274 -4.89 -17.43 9.32
C GLU A 274 -6.10 -16.54 9.61
N ALA A 275 -5.99 -15.60 10.55
CA ALA A 275 -7.10 -14.64 10.90
C ALA A 275 -7.38 -13.63 9.79
N GLY A 276 -6.36 -13.36 9.00
CA GLY A 276 -6.35 -12.28 8.02
C GLY A 276 -6.67 -12.70 6.59
N GLY A 277 -7.13 -11.71 5.83
CA GLY A 277 -7.44 -11.87 4.40
C GLY A 277 -6.46 -11.02 3.63
N HIS A 278 -6.85 -10.63 2.42
CA HIS A 278 -6.03 -9.74 1.60
C HIS A 278 -5.48 -8.51 2.32
N PHE A 279 -6.34 -7.85 3.09
CA PHE A 279 -5.99 -6.65 3.83
C PHE A 279 -5.51 -7.11 5.17
N VAL A 280 -4.36 -7.78 5.18
CA VAL A 280 -3.89 -8.51 6.35
C VAL A 280 -3.49 -7.59 7.50
N GLN A 281 -3.23 -6.31 7.19
CA GLN A 281 -2.89 -5.29 8.25
C GLN A 281 -4.02 -5.12 9.25
N GLU A 282 -5.22 -5.51 8.84
CA GLU A 282 -6.37 -5.54 9.78
C GLU A 282 -6.19 -6.56 10.93
N HIS A 283 -5.35 -7.57 10.71
CA HIS A 283 -4.99 -8.53 11.70
C HIS A 283 -3.47 -8.41 11.89
N GLY A 284 -2.97 -7.18 11.87
CA GLY A 284 -1.54 -6.94 11.64
C GLY A 284 -0.73 -6.61 12.86
N GLU A 285 -1.37 -6.45 14.02
CA GLU A 285 -0.64 -6.20 15.27
C GLU A 285 0.42 -7.30 15.50
N PRO A 286 0.04 -8.57 15.41
CA PRO A 286 1.04 -9.65 15.54
C PRO A 286 2.09 -9.67 14.47
N ILE A 287 1.75 -9.25 13.25
CA ILE A 287 2.73 -9.08 12.15
C ILE A 287 3.82 -8.08 12.56
N ALA A 288 3.42 -6.92 13.08
CA ALA A 288 4.38 -5.89 13.47
C ALA A 288 5.24 -6.37 14.62
N ARG A 289 4.65 -7.06 15.59
CA ARG A 289 5.46 -7.55 16.71
C ARG A 289 6.47 -8.59 16.29
N ALA A 290 6.06 -9.46 15.36
CA ALA A 290 6.92 -10.58 14.94
C ALA A 290 8.05 -10.08 14.04
N ALA A 291 7.74 -9.11 13.17
CA ALA A 291 8.76 -8.42 12.34
C ALA A 291 9.83 -7.86 13.21
N LEU A 292 9.42 -7.12 14.22
CA LEU A 292 10.37 -6.46 15.09
C LEU A 292 11.25 -7.43 15.85
N ALA A 293 10.64 -8.49 16.41
CA ALA A 293 11.39 -9.52 17.10
C ALA A 293 12.38 -10.19 16.13
N ALA A 294 11.97 -10.44 14.88
CA ALA A 294 12.83 -11.03 13.83
C ALA A 294 14.00 -10.12 13.50
N PHE A 295 13.76 -8.80 13.46
CA PHE A 295 14.79 -7.81 13.17
C PHE A 295 15.67 -7.51 14.37
N GLY A 296 15.41 -8.13 15.50
CA GLY A 296 16.33 -8.04 16.64
C GLY A 296 16.01 -6.79 17.44
N GLN A 297 14.75 -6.38 17.33
CA GLN A 297 14.22 -5.15 17.93
C GLN A 297 13.31 -5.51 19.13
#